data_2GMT
#
_entry.id   2GMT
#
_cell.length_a   69.500
_cell.length_b   69.500
_cell.length_c   97.600
_cell.angle_alpha   90.00
_cell.angle_beta   90.00
_cell.angle_gamma   90.00
#
_symmetry.space_group_name_H-M   'P 42 21 2'
#
loop_
_entity.id
_entity.type
_entity.pdbx_description
1 polymer GAMMA-CHYMOTRYPSIN
2 polymer GAMMA-CHYMOTRYPSIN
3 polymer GAMMA-CHYMOTRYPSIN
4 non-polymer '(2S) N-ACETYL-L-ALANYL-ALPHAL-PHENYLALANYL-CHLOROETHYLKETONE'
5 water water
#
loop_
_entity_poly.entity_id
_entity_poly.type
_entity_poly.pdbx_seq_one_letter_code
_entity_poly.pdbx_strand_id
1 'polypeptide(L)' CGVPAIQPVLSGL A
2 'polypeptide(L)'
;IVNGEEAVPGSWPWQVSLQDKTGFHFCGGSLINENWVVTAAHCGVTTSDVVVAGEFDQGSSSEKIQKLKIAKVFKNSKYN
SLTINNDITLLKLSTAASFSQTVSAVCLPSASDDFAAGTTCVTTGWGLTRY
;
B
3 'polypeptide(L)'
;ANTPDRLQQASLPLLSNTNCKKYWGTKIKDAMICAGASGVSSCMGDSGGPLVCKKNGAWTLVGIVSWGSSTCSTSTPGVY
ARVTALVNWVQQTLAAN
;
C
#
loop_
_chem_comp.id
_chem_comp.type
_chem_comp.name
_chem_comp.formula
HIN non-polymer '(2S) N-ACETYL-L-ALANYL-ALPHAL-PHENYLALANYL-CHLOROETHYLKETONE' 'C16 H21 Cl N2 O3'
#
# COMPACT_ATOMS: atom_id res chain seq x y z
N CYS A 1 7.19 -13.70 -7.16
CA CYS A 1 6.39 -12.67 -6.48
C CYS A 1 4.92 -12.71 -6.87
N GLY A 2 4.09 -12.00 -6.13
CA GLY A 2 2.70 -11.83 -6.47
C GLY A 2 1.73 -13.02 -6.52
N VAL A 3 2.09 -14.22 -6.00
CA VAL A 3 1.19 -15.37 -5.94
C VAL A 3 1.08 -15.86 -4.49
N PRO A 4 0.06 -15.42 -3.80
CA PRO A 4 -0.07 -15.87 -2.39
C PRO A 4 -0.31 -17.37 -2.28
N ALA A 5 0.16 -17.98 -1.16
CA ALA A 5 0.04 -19.39 -0.81
C ALA A 5 -1.36 -19.69 -0.39
N ILE A 6 -2.03 -18.71 0.24
CA ILE A 6 -3.41 -18.74 0.65
C ILE A 6 -4.12 -17.76 -0.33
N GLN A 7 -5.06 -18.30 -1.10
CA GLN A 7 -5.78 -17.48 -2.08
C GLN A 7 -6.74 -16.50 -1.55
N PRO A 8 -6.74 -15.28 -2.11
CA PRO A 8 -7.65 -14.28 -1.63
C PRO A 8 -9.02 -14.62 -2.24
N VAL A 9 -10.04 -14.25 -1.54
CA VAL A 9 -11.35 -14.44 -2.07
C VAL A 9 -12.06 -13.11 -1.99
N LEU A 10 -12.50 -12.57 -3.13
CA LEU A 10 -13.09 -11.25 -3.17
C LEU A 10 -14.57 -11.20 -3.53
N ILE B 1 -10.26 1.02 5.36
CA ILE B 1 -11.17 1.06 4.21
C ILE B 1 -12.69 1.10 4.55
N VAL B 2 -13.49 2.00 3.95
CA VAL B 2 -14.92 2.03 4.23
C VAL B 2 -15.60 1.24 3.10
N ASN B 3 -16.57 0.46 3.55
CA ASN B 3 -17.29 -0.38 2.61
C ASN B 3 -16.48 -1.58 2.15
N GLY B 4 -15.52 -1.92 2.94
CA GLY B 4 -14.72 -3.05 2.64
C GLY B 4 -15.36 -4.32 3.22
N GLU B 5 -14.55 -5.38 3.31
CA GLU B 5 -14.91 -6.64 3.90
C GLU B 5 -13.65 -7.29 4.47
N GLU B 6 -13.90 -8.28 5.28
CA GLU B 6 -12.85 -8.98 5.92
C GLU B 6 -12.06 -9.86 4.98
N ALA B 7 -10.71 -9.80 4.98
CA ALA B 7 -9.95 -10.59 4.07
C ALA B 7 -9.72 -11.96 4.64
N VAL B 8 -9.37 -12.91 3.78
CA VAL B 8 -9.06 -14.22 4.28
C VAL B 8 -7.73 -13.99 4.96
N PRO B 9 -7.55 -14.61 6.11
CA PRO B 9 -6.32 -14.36 6.76
C PRO B 9 -5.16 -14.95 6.06
N GLY B 10 -4.18 -14.07 5.95
CA GLY B 10 -2.89 -14.30 5.33
C GLY B 10 -2.96 -14.31 3.83
N SER B 11 -4.04 -13.71 3.30
CA SER B 11 -4.21 -13.81 1.87
C SER B 11 -3.57 -12.74 1.07
N TRP B 12 -3.11 -11.72 1.75
CA TRP B 12 -2.34 -10.62 1.12
C TRP B 12 -1.04 -10.58 1.89
N PRO B 13 -0.17 -11.52 1.54
CA PRO B 13 1.08 -11.76 2.22
C PRO B 13 2.13 -10.68 2.28
N TRP B 14 2.03 -9.74 1.33
CA TRP B 14 2.98 -8.68 1.35
C TRP B 14 2.56 -7.55 2.24
N GLN B 15 1.35 -7.64 2.75
CA GLN B 15 0.83 -6.57 3.59
C GLN B 15 1.50 -6.49 4.95
N VAL B 16 2.09 -5.35 5.22
CA VAL B 16 2.76 -5.08 6.53
C VAL B 16 2.09 -3.89 7.23
N SER B 17 2.29 -3.87 8.55
CA SER B 17 1.68 -2.86 9.42
C SER B 17 2.80 -2.02 9.93
N LEU B 18 2.74 -0.74 9.79
CA LEU B 18 3.81 0.06 10.33
C LEU B 18 3.34 0.54 11.70
N GLN B 19 4.10 0.24 12.76
CA GLN B 19 3.61 0.63 14.11
C GLN B 19 4.61 1.47 14.88
N ASP B 20 4.08 2.40 15.68
CA ASP B 20 5.00 3.20 16.42
C ASP B 20 5.47 2.43 17.67
N LYS B 21 6.39 2.99 18.46
CA LYS B 21 6.94 2.19 19.55
C LYS B 21 5.93 1.83 20.61
N THR B 22 4.86 2.60 20.62
CA THR B 22 3.74 2.43 21.48
C THR B 22 2.86 1.25 21.05
N GLY B 23 3.14 0.73 19.83
CA GLY B 23 2.40 -0.38 19.19
C GLY B 23 1.17 0.00 18.35
N PHE B 24 0.94 1.29 18.24
CA PHE B 24 -0.16 1.85 17.49
C PHE B 24 0.11 1.87 15.95
N HIS B 25 -0.69 1.19 15.16
CA HIS B 25 -0.67 1.15 13.68
C HIS B 25 -0.95 2.54 13.10
N PHE B 26 -0.04 3.07 12.29
CA PHE B 26 -0.35 4.34 11.75
C PHE B 26 -0.31 4.31 10.21
N CYS B 27 0.25 3.27 9.65
CA CYS B 27 0.37 3.19 8.19
C CYS B 27 0.62 1.75 7.65
N GLY B 28 0.25 1.51 6.40
CA GLY B 28 0.47 0.18 5.80
C GLY B 28 1.70 0.23 4.91
N GLY B 29 2.15 -0.94 4.45
CA GLY B 29 3.36 -1.05 3.62
C GLY B 29 3.28 -2.34 2.84
N SER B 30 4.19 -2.59 1.88
CA SER B 30 4.16 -3.85 1.09
C SER B 30 5.59 -4.41 0.99
N LEU B 31 5.80 -5.70 1.37
CA LEU B 31 7.13 -6.26 1.19
C LEU B 31 7.38 -6.45 -0.27
N ILE B 32 8.55 -6.07 -0.81
CA ILE B 32 8.80 -6.30 -2.25
C ILE B 32 9.93 -7.35 -2.38
N ASN B 33 10.50 -7.68 -1.22
CA ASN B 33 11.53 -8.65 -1.04
C ASN B 33 11.73 -8.90 0.43
N GLU B 34 12.63 -9.86 0.76
CA GLU B 34 12.70 -10.15 2.17
C GLU B 34 13.37 -9.13 2.95
N ASN B 35 13.96 -8.12 2.24
CA ASN B 35 14.73 -7.10 2.93
C ASN B 35 14.22 -5.65 2.84
N TRP B 36 13.22 -5.44 2.00
CA TRP B 36 12.71 -4.09 1.73
C TRP B 36 11.19 -4.04 1.70
N VAL B 37 10.70 -2.90 2.17
CA VAL B 37 9.29 -2.60 2.25
C VAL B 37 8.98 -1.29 1.47
N VAL B 38 7.90 -1.22 0.71
CA VAL B 38 7.56 0.02 0.12
C VAL B 38 6.38 0.63 0.92
N THR B 39 6.46 1.95 1.14
CA THR B 39 5.37 2.66 1.80
C THR B 39 5.27 4.10 1.24
N ALA B 40 4.29 4.84 1.72
CA ALA B 40 4.15 6.24 1.39
C ALA B 40 5.12 7.14 2.18
N ALA B 41 5.85 8.01 1.47
CA ALA B 41 6.81 8.97 2.03
C ALA B 41 6.21 9.81 3.15
N HIS B 42 4.95 10.28 2.96
CA HIS B 42 4.22 11.09 3.98
C HIS B 42 3.88 10.41 5.27
N CYS B 43 4.03 9.08 5.35
CA CYS B 43 3.82 8.37 6.56
C CYS B 43 4.83 8.80 7.65
N GLY B 44 5.96 9.34 7.21
CA GLY B 44 7.00 9.81 8.08
C GLY B 44 7.53 8.78 9.01
N VAL B 45 7.93 7.67 8.44
CA VAL B 45 8.45 6.59 9.26
C VAL B 45 9.84 6.95 9.76
N THR B 46 10.20 6.39 10.91
CA THR B 46 11.54 6.65 11.37
C THR B 46 12.12 5.27 11.72
N THR B 47 13.39 5.28 12.11
CA THR B 47 14.13 4.13 12.54
C THR B 47 13.59 3.55 13.83
N SER B 48 12.82 4.33 14.50
CA SER B 48 12.22 3.89 15.75
C SER B 48 10.89 3.11 15.55
N ASP B 49 10.26 3.24 14.34
CA ASP B 49 9.03 2.51 14.07
C ASP B 49 9.33 1.01 13.76
N VAL B 50 8.26 0.22 13.69
CA VAL B 50 8.45 -1.20 13.42
C VAL B 50 7.51 -1.75 12.41
N VAL B 51 8.13 -2.57 11.57
CA VAL B 51 7.54 -3.30 10.50
C VAL B 51 7.04 -4.65 10.98
N VAL B 52 5.71 -4.83 10.90
CA VAL B 52 5.10 -6.04 11.37
C VAL B 52 4.49 -6.76 10.15
N ALA B 53 4.88 -8.02 10.03
CA ALA B 53 4.56 -8.87 8.91
C ALA B 53 3.78 -10.09 9.40
N GLY B 54 2.99 -10.68 8.47
CA GLY B 54 2.23 -11.87 8.79
C GLY B 54 1.08 -11.65 9.74
N GLU B 55 0.64 -10.37 9.90
CA GLU B 55 -0.46 -10.09 10.81
C GLU B 55 -1.81 -10.08 10.14
N PHE B 56 -2.87 -10.62 10.79
CA PHE B 56 -4.24 -10.57 10.33
C PHE B 56 -5.10 -9.70 11.26
N ASP B 57 -5.21 -10.14 12.54
CA ASP B 57 -5.97 -9.47 13.55
C ASP B 57 -5.05 -8.90 14.60
N GLN B 58 -5.01 -7.57 14.64
CA GLN B 58 -4.18 -6.84 15.51
C GLN B 58 -4.52 -6.94 17.00
N GLY B 59 -5.70 -7.45 17.27
CA GLY B 59 -6.18 -7.67 18.60
C GLY B 59 -5.67 -9.06 19.05
N SER B 60 -5.38 -9.95 18.13
CA SER B 60 -4.90 -11.30 18.51
C SER B 60 -3.48 -11.35 19.14
N SER B 61 -3.22 -12.34 19.96
CA SER B 61 -1.92 -12.45 20.58
C SER B 61 -1.38 -13.83 20.28
N SER B 62 -2.15 -14.56 19.49
CA SER B 62 -1.83 -15.91 19.10
C SER B 62 -1.27 -16.05 17.70
N GLU B 63 -1.20 -14.91 17.07
CA GLU B 63 -0.62 -14.92 15.76
C GLU B 63 0.90 -14.96 15.84
N LYS B 64 1.57 -15.82 15.02
CA LYS B 64 3.03 -15.93 14.89
C LYS B 64 3.64 -14.71 14.11
N ILE B 65 3.26 -13.49 14.47
CA ILE B 65 3.74 -12.29 13.84
C ILE B 65 5.27 -12.17 13.84
N GLN B 66 5.74 -11.27 12.94
CA GLN B 66 7.14 -10.96 12.69
C GLN B 66 7.35 -9.45 12.85
N LYS B 67 8.03 -9.04 13.96
CA LYS B 67 8.28 -7.63 14.31
C LYS B 67 9.67 -7.36 13.83
N LEU B 68 9.74 -6.58 12.78
CA LEU B 68 11.02 -6.33 12.20
C LEU B 68 11.54 -4.92 12.38
N LYS B 69 12.81 -4.85 12.65
CA LYS B 69 13.43 -3.56 12.86
C LYS B 69 13.81 -2.89 11.58
N ILE B 70 13.81 -1.54 11.59
CA ILE B 70 14.06 -0.72 10.41
C ILE B 70 15.45 -0.19 10.42
N ALA B 71 16.23 -0.58 9.43
CA ALA B 71 17.59 -0.10 9.42
C ALA B 71 17.79 1.31 8.94
N LYS B 72 17.21 1.59 7.77
CA LYS B 72 17.32 2.89 7.11
C LYS B 72 16.08 3.24 6.30
N VAL B 73 15.79 4.55 6.25
CA VAL B 73 14.61 5.09 5.55
C VAL B 73 14.98 5.87 4.27
N PHE B 74 14.59 5.38 3.10
CA PHE B 74 14.99 6.02 1.85
C PHE B 74 13.80 6.76 1.29
N LYS B 75 13.75 8.05 1.63
CA LYS B 75 12.68 8.93 1.16
C LYS B 75 12.98 9.34 -0.23
N ASN B 76 12.09 9.02 -1.17
CA ASN B 76 12.34 9.42 -2.53
C ASN B 76 12.66 10.92 -2.64
N SER B 77 13.81 11.22 -3.22
CA SER B 77 14.13 12.64 -3.28
C SER B 77 13.23 13.45 -4.17
N LYS B 78 12.44 12.83 -5.05
CA LYS B 78 11.51 13.62 -5.85
C LYS B 78 10.26 13.89 -5.04
N TYR B 79 10.13 13.30 -3.85
CA TYR B 79 8.97 13.60 -3.07
C TYR B 79 8.81 15.06 -2.77
N ASN B 80 7.60 15.54 -2.97
CA ASN B 80 7.16 16.91 -2.73
C ASN B 80 6.15 16.99 -1.61
N SER B 81 6.55 17.28 -0.42
CA SER B 81 5.63 17.37 0.68
C SER B 81 4.56 18.42 0.47
N LEU B 82 4.89 19.48 -0.24
CA LEU B 82 3.83 20.42 -0.42
C LEU B 82 2.66 19.82 -1.19
N THR B 83 2.96 19.10 -2.25
CA THR B 83 1.90 18.61 -3.08
C THR B 83 1.59 17.14 -3.02
N ILE B 84 2.36 16.46 -2.15
CA ILE B 84 2.18 15.01 -1.99
C ILE B 84 2.45 14.19 -3.28
N ASN B 85 3.22 14.72 -4.23
CA ASN B 85 3.59 14.05 -5.46
C ASN B 85 4.85 13.18 -5.22
N ASN B 86 5.05 12.09 -6.00
CA ASN B 86 6.13 11.13 -5.72
C ASN B 86 6.09 10.60 -4.26
N ASP B 87 4.93 10.23 -3.75
CA ASP B 87 4.78 9.80 -2.34
C ASP B 87 5.25 8.40 -2.10
N ILE B 88 6.58 8.24 -2.08
CA ILE B 88 7.09 6.91 -1.88
C ILE B 88 8.38 6.86 -1.06
N THR B 89 8.43 5.99 -0.11
CA THR B 89 9.67 5.89 0.66
C THR B 89 10.03 4.40 0.69
N LEU B 90 11.31 4.04 0.63
CA LEU B 90 11.72 2.65 0.79
C LEU B 90 12.28 2.38 2.20
N LEU B 91 11.92 1.23 2.81
CA LEU B 91 12.41 0.92 4.17
C LEU B 91 13.22 -0.34 4.05
N LYS B 92 14.50 -0.23 4.40
CA LYS B 92 15.34 -1.40 4.33
C LYS B 92 15.34 -2.08 5.70
N LEU B 93 15.07 -3.38 5.76
CA LEU B 93 15.00 -4.02 7.10
C LEU B 93 16.36 -4.33 7.68
N SER B 94 16.48 -4.20 9.01
CA SER B 94 17.75 -4.51 9.61
C SER B 94 17.78 -6.05 9.81
N THR B 95 16.60 -6.62 9.88
CA THR B 95 16.53 -8.06 9.87
C THR B 95 15.62 -8.49 8.76
N ALA B 96 16.07 -9.45 7.96
CA ALA B 96 15.30 -9.97 6.86
C ALA B 96 14.00 -10.66 7.29
N ALA B 97 12.90 -10.36 6.59
CA ALA B 97 11.67 -11.07 6.90
C ALA B 97 11.81 -12.55 6.47
N SER B 98 11.19 -13.46 7.21
CA SER B 98 11.26 -14.86 6.87
C SER B 98 10.08 -15.13 5.98
N PHE B 99 10.24 -15.44 4.70
CA PHE B 99 9.05 -15.65 3.90
C PHE B 99 8.38 -16.96 4.28
N SER B 100 7.09 -17.06 4.04
CA SER B 100 6.34 -18.26 4.43
C SER B 100 5.03 -18.35 3.67
N GLN B 101 4.12 -19.26 4.08
CA GLN B 101 2.80 -19.27 3.45
C GLN B 101 2.12 -17.88 3.62
N THR B 102 2.38 -17.19 4.77
CA THR B 102 1.71 -15.93 5.05
C THR B 102 2.49 -14.65 4.94
N VAL B 103 3.69 -14.72 4.36
CA VAL B 103 4.56 -13.54 4.31
C VAL B 103 5.37 -13.75 3.10
N SER B 104 5.10 -13.02 2.03
CA SER B 104 5.72 -13.09 0.71
C SER B 104 5.60 -11.78 -0.03
N ALA B 105 6.22 -11.70 -1.18
CA ALA B 105 6.34 -10.42 -1.85
C ALA B 105 5.41 -10.00 -2.97
N VAL B 106 5.15 -8.69 -3.02
CA VAL B 106 4.30 -8.26 -4.08
C VAL B 106 5.20 -8.09 -5.32
N CYS B 107 4.62 -8.25 -6.51
CA CYS B 107 5.31 -7.97 -7.77
C CYS B 107 5.32 -6.48 -8.10
N LEU B 108 6.35 -6.01 -8.72
CA LEU B 108 6.52 -4.64 -9.15
C LEU B 108 6.35 -4.56 -10.71
N PRO B 109 5.76 -3.50 -11.25
CA PRO B 109 5.52 -3.39 -12.72
C PRO B 109 6.67 -2.79 -13.46
N SER B 110 6.71 -2.97 -14.74
CA SER B 110 7.83 -2.38 -15.52
C SER B 110 7.45 -0.91 -15.62
N ALA B 111 8.40 0.04 -15.84
CA ALA B 111 8.03 1.47 -15.97
C ALA B 111 6.99 1.73 -17.02
N SER B 112 6.95 0.82 -17.99
CA SER B 112 6.00 1.01 -19.06
C SER B 112 4.74 0.12 -19.06
N ASP B 113 4.49 -0.57 -17.96
CA ASP B 113 3.26 -1.35 -18.03
C ASP B 113 2.02 -0.38 -18.07
N ASP B 114 0.98 -0.74 -18.84
CA ASP B 114 -0.27 0.00 -18.97
C ASP B 114 -1.36 -0.64 -18.10
N PHE B 115 -1.98 0.16 -17.26
CA PHE B 115 -3.00 -0.34 -16.41
C PHE B 115 -4.23 0.48 -16.68
N ALA B 116 -5.10 -0.07 -17.54
CA ALA B 116 -6.30 0.64 -18.05
C ALA B 116 -7.36 1.14 -17.07
N ALA B 117 -7.87 2.40 -17.31
CA ALA B 117 -8.97 3.02 -16.55
C ALA B 117 -10.19 2.08 -16.72
N GLY B 118 -10.91 1.67 -15.65
CA GLY B 118 -11.95 0.70 -15.74
C GLY B 118 -11.46 -0.63 -15.15
N THR B 119 -10.18 -0.90 -15.18
CA THR B 119 -9.74 -2.16 -14.57
C THR B 119 -10.10 -2.20 -13.06
N THR B 120 -10.53 -3.34 -12.60
CA THR B 120 -10.88 -3.58 -11.20
C THR B 120 -9.69 -4.15 -10.46
N CYS B 121 -9.19 -3.41 -9.49
CA CYS B 121 -8.12 -3.83 -8.64
C CYS B 121 -8.60 -3.95 -7.16
N VAL B 122 -7.58 -4.12 -6.29
CA VAL B 122 -7.76 -4.42 -4.90
C VAL B 122 -6.81 -3.62 -4.04
N THR B 123 -7.41 -3.11 -2.95
CA THR B 123 -6.62 -2.36 -2.01
C THR B 123 -6.96 -2.92 -0.66
N THR B 124 -6.01 -2.96 0.28
CA THR B 124 -6.27 -3.57 1.60
C THR B 124 -5.69 -2.78 2.67
N GLY B 125 -6.07 -3.05 3.93
CA GLY B 125 -5.43 -2.30 5.03
C GLY B 125 -6.20 -2.32 6.32
N TRP B 126 -5.65 -1.72 7.36
CA TRP B 126 -6.32 -1.63 8.64
C TRP B 126 -6.81 -0.22 8.91
N GLY B 127 -6.91 0.63 7.86
CA GLY B 127 -7.34 1.99 8.17
C GLY B 127 -8.80 2.06 8.61
N LEU B 128 -9.26 3.26 9.08
CA LEU B 128 -10.70 3.40 9.53
C LEU B 128 -11.66 2.77 8.52
N THR B 129 -12.78 2.15 8.96
CA THR B 129 -13.78 1.57 8.04
C THR B 129 -15.04 2.38 8.16
N ARG B 130 -14.87 3.41 8.98
CA ARG B 130 -15.86 4.41 9.36
C ARG B 130 -15.22 5.75 9.69
N TYR B 131 -15.72 6.81 9.06
CA TYR B 131 -15.28 8.17 9.34
C TYR B 131 -16.30 8.94 10.18
N THR C 3 -9.39 2.08 14.45
CA THR C 3 -8.90 1.17 13.43
C THR C 3 -9.61 -0.15 13.61
N PRO C 4 -9.85 -0.93 12.53
CA PRO C 4 -10.49 -2.20 12.78
C PRO C 4 -9.39 -3.14 13.23
N ASP C 5 -9.73 -4.29 13.84
CA ASP C 5 -8.66 -5.15 14.24
C ASP C 5 -8.26 -6.03 13.06
N ARG C 6 -9.22 -6.44 12.30
CA ARG C 6 -8.67 -7.29 11.26
C ARG C 6 -8.61 -6.68 9.90
N LEU C 7 -7.74 -7.28 9.14
CA LEU C 7 -7.43 -6.82 7.83
C LEU C 7 -8.57 -6.73 6.86
N GLN C 8 -8.72 -5.61 6.21
CA GLN C 8 -9.84 -5.40 5.26
C GLN C 8 -9.40 -5.35 3.83
N GLN C 9 -10.32 -5.44 2.94
CA GLN C 9 -9.97 -5.34 1.54
C GLN C 9 -11.14 -4.80 0.76
N ALA C 10 -10.94 -4.44 -0.50
CA ALA C 10 -11.97 -3.94 -1.35
C ALA C 10 -11.49 -3.88 -2.81
N SER C 11 -12.37 -4.29 -3.71
CA SER C 11 -12.01 -4.23 -5.11
C SER C 11 -12.61 -2.92 -5.59
N LEU C 12 -11.84 -2.26 -6.44
CA LEU C 12 -12.21 -0.94 -6.92
C LEU C 12 -11.63 -0.64 -8.29
N PRO C 13 -12.19 0.38 -9.00
CA PRO C 13 -11.77 0.63 -10.35
C PRO C 13 -10.73 1.72 -10.53
N LEU C 14 -9.93 1.56 -11.52
CA LEU C 14 -8.95 2.58 -11.72
C LEU C 14 -9.63 3.64 -12.53
N LEU C 15 -9.20 4.91 -12.43
CA LEU C 15 -9.83 5.95 -13.26
C LEU C 15 -8.72 6.64 -14.10
N SER C 16 -9.08 7.44 -15.09
CA SER C 16 -8.02 8.11 -15.84
C SER C 16 -7.68 9.36 -15.06
N ASN C 17 -6.46 9.85 -15.28
CA ASN C 17 -6.12 11.06 -14.61
C ASN C 17 -7.05 12.20 -15.06
N THR C 18 -7.31 12.22 -16.31
CA THR C 18 -8.21 13.23 -16.83
C THR C 18 -9.55 13.21 -16.17
N ASN C 19 -10.06 12.02 -15.91
CA ASN C 19 -11.35 11.89 -15.23
C ASN C 19 -11.27 12.27 -13.79
N CYS C 20 -10.20 11.80 -13.14
CA CYS C 20 -9.94 12.22 -11.75
C CYS C 20 -10.06 13.75 -11.52
N LYS C 21 -9.38 14.48 -12.37
CA LYS C 21 -9.33 15.88 -12.33
C LYS C 21 -10.67 16.59 -12.31
N LYS C 22 -11.71 15.94 -12.74
CA LYS C 22 -13.03 16.53 -12.60
C LYS C 22 -13.38 16.61 -11.14
N TYR C 23 -12.74 15.78 -10.29
CA TYR C 23 -12.95 15.77 -8.86
C TYR C 23 -11.86 16.49 -8.06
N TRP C 24 -10.60 16.41 -8.50
CA TRP C 24 -9.47 17.01 -7.74
C TRP C 24 -8.62 18.04 -8.44
N GLY C 25 -9.06 18.51 -9.58
CA GLY C 25 -8.34 19.49 -10.30
C GLY C 25 -6.88 19.20 -10.40
N THR C 26 -6.19 20.35 -10.47
CA THR C 26 -4.77 20.42 -10.61
C THR C 26 -4.04 19.76 -9.46
N LYS C 27 -4.75 19.29 -8.43
CA LYS C 27 -3.93 18.65 -7.46
C LYS C 27 -3.41 17.31 -7.99
N ILE C 28 -3.92 16.86 -9.12
CA ILE C 28 -3.56 15.61 -9.69
C ILE C 28 -2.34 15.63 -10.58
N LYS C 29 -1.33 14.83 -10.21
CA LYS C 29 -0.08 14.85 -10.97
C LYS C 29 0.20 13.60 -11.70
N ASP C 30 1.21 13.71 -12.54
CA ASP C 30 1.49 12.54 -13.33
C ASP C 30 1.91 11.29 -12.56
N ALA C 31 2.58 11.45 -11.40
CA ALA C 31 3.03 10.34 -10.58
C ALA C 31 1.96 9.82 -9.55
N MET C 32 0.70 10.19 -9.82
CA MET C 32 -0.45 9.79 -9.05
C MET C 32 -1.45 9.04 -9.97
N ILE C 33 -2.22 8.19 -9.34
CA ILE C 33 -3.23 7.43 -10.01
C ILE C 33 -4.39 7.34 -9.07
N CYS C 34 -5.54 7.56 -9.69
CA CYS C 34 -6.79 7.54 -9.01
C CYS C 34 -7.56 6.18 -9.04
N ALA C 35 -8.35 5.90 -7.97
CA ALA C 35 -9.21 4.71 -7.92
C ALA C 35 -10.37 4.92 -6.94
N GLY C 36 -11.47 4.20 -7.16
CA GLY C 36 -12.56 4.38 -6.24
C GLY C 36 -13.76 5.06 -6.83
N ALA C 37 -14.36 5.94 -6.01
CA ALA C 37 -15.61 6.62 -6.35
C ALA C 37 -16.61 5.58 -6.77
N SER C 38 -16.47 4.38 -6.27
CA SER C 38 -17.33 3.28 -6.67
C SER C 38 -18.12 2.65 -5.50
N GLY C 39 -18.05 3.29 -4.32
CA GLY C 39 -18.78 2.84 -3.14
C GLY C 39 -18.04 2.36 -1.92
N VAL C 40 -16.73 2.46 -2.03
CA VAL C 40 -15.74 2.14 -1.00
C VAL C 40 -14.64 3.19 -1.12
N SER C 41 -13.79 3.35 -0.11
CA SER C 41 -12.76 4.34 -0.22
C SER C 41 -11.69 3.98 0.75
N SER C 42 -10.49 4.40 0.42
CA SER C 42 -9.36 4.21 1.32
C SER C 42 -9.50 5.28 2.37
N CYS C 43 -9.14 5.09 3.62
CA CYS C 43 -9.35 6.11 4.62
C CYS C 43 -8.12 6.21 5.53
N MET C 44 -8.12 7.12 6.50
CA MET C 44 -6.96 7.28 7.39
C MET C 44 -6.51 5.94 7.98
N GLY C 45 -5.20 5.71 7.92
CA GLY C 45 -4.69 4.47 8.47
C GLY C 45 -4.31 3.50 7.34
N ASP C 46 -5.03 3.63 6.21
CA ASP C 46 -4.73 2.86 5.02
C ASP C 46 -3.47 3.36 4.29
N SER C 47 -3.05 4.59 4.55
CA SER C 47 -1.87 5.16 3.88
C SER C 47 -0.60 4.32 3.95
N GLY C 48 0.04 4.20 2.79
CA GLY C 48 1.31 3.48 2.60
C GLY C 48 1.07 2.03 2.15
N GLY C 49 -0.16 1.63 2.29
CA GLY C 49 -0.63 0.34 1.90
C GLY C 49 -0.74 0.24 0.39
N PRO C 50 -1.05 -0.98 -0.03
CA PRO C 50 -1.09 -1.23 -1.47
C PRO C 50 -2.40 -1.11 -2.21
N LEU C 51 -2.24 -0.85 -3.49
CA LEU C 51 -3.31 -0.95 -4.49
C LEU C 51 -2.76 -1.96 -5.53
N VAL C 52 -3.31 -3.13 -5.62
CA VAL C 52 -2.73 -4.07 -6.57
C VAL C 52 -3.67 -4.45 -7.69
N CYS C 53 -3.07 -4.82 -8.84
CA CYS C 53 -3.78 -5.35 -9.98
C CYS C 53 -3.30 -6.68 -10.39
N LYS C 54 -4.21 -7.43 -10.96
CA LYS C 54 -3.80 -8.74 -11.38
C LYS C 54 -3.19 -8.67 -12.79
N LYS C 55 -2.06 -9.27 -13.04
CA LYS C 55 -1.53 -9.21 -14.40
C LYS C 55 -0.85 -10.55 -14.71
N ASN C 56 -1.17 -11.13 -15.88
CA ASN C 56 -0.56 -12.42 -16.15
C ASN C 56 -0.54 -13.32 -14.89
N GLY C 57 -1.70 -13.29 -14.18
CA GLY C 57 -2.10 -13.97 -12.97
C GLY C 57 -1.31 -13.64 -11.72
N ALA C 58 -0.59 -12.52 -11.68
CA ALA C 58 0.23 -12.21 -10.51
C ALA C 58 -0.13 -10.85 -9.94
N TRP C 59 -0.29 -10.75 -8.61
CA TRP C 59 -0.64 -9.43 -8.06
C TRP C 59 0.54 -8.49 -8.21
N THR C 60 0.24 -7.31 -8.79
CA THR C 60 1.27 -6.33 -9.01
C THR C 60 0.95 -4.97 -8.44
N LEU C 61 1.93 -4.43 -7.72
CA LEU C 61 1.81 -3.16 -6.99
C LEU C 61 1.70 -2.03 -8.01
N VAL C 62 0.48 -1.54 -8.17
CA VAL C 62 0.25 -0.47 -9.15
C VAL C 62 0.20 0.89 -8.49
N GLY C 63 -0.17 0.89 -7.24
CA GLY C 63 -0.32 2.16 -6.57
C GLY C 63 -0.09 2.02 -5.07
N ILE C 64 0.27 3.13 -4.42
CA ILE C 64 0.43 3.07 -2.98
C ILE C 64 -0.61 4.01 -2.39
N VAL C 65 -1.36 3.62 -1.36
CA VAL C 65 -2.37 4.49 -0.77
C VAL C 65 -1.75 5.82 -0.35
N SER C 66 -2.26 6.90 -0.93
CA SER C 66 -1.66 8.23 -0.66
C SER C 66 -2.51 9.23 0.05
N TRP C 67 -3.55 9.70 -0.63
CA TRP C 67 -4.57 10.64 -0.12
C TRP C 67 -5.99 10.40 -0.81
N GLY C 68 -7.00 11.17 -0.35
CA GLY C 68 -8.39 11.11 -0.81
C GLY C 68 -9.26 12.03 0.03
N SER C 69 -10.60 11.87 0.03
CA SER C 69 -11.55 12.66 0.81
C SER C 69 -11.20 12.79 2.27
N SER C 70 -11.26 14.03 2.78
CA SER C 70 -11.04 14.31 4.15
C SER C 70 -12.08 13.57 4.92
N THR C 71 -13.10 13.15 4.20
CA THR C 71 -14.25 12.42 4.73
C THR C 71 -14.29 10.91 4.38
N CYS C 72 -13.33 10.51 3.59
CA CYS C 72 -13.36 9.16 3.17
C CYS C 72 -14.63 8.87 2.38
N SER C 73 -15.17 9.93 1.76
CA SER C 73 -16.40 9.80 0.96
C SER C 73 -16.34 8.61 0.00
N THR C 74 -17.37 7.83 -0.16
CA THR C 74 -17.17 6.74 -1.09
C THR C 74 -17.53 7.16 -2.52
N SER C 75 -17.88 8.42 -2.73
CA SER C 75 -18.24 9.01 -4.03
C SER C 75 -17.16 9.80 -4.66
N THR C 76 -16.03 9.87 -3.99
CA THR C 76 -14.89 10.63 -4.48
C THR C 76 -13.76 9.62 -4.59
N PRO C 77 -12.93 9.83 -5.54
CA PRO C 77 -11.89 8.86 -5.68
C PRO C 77 -10.70 9.10 -4.79
N GLY C 78 -10.06 7.95 -4.52
CA GLY C 78 -8.89 7.94 -3.70
C GLY C 78 -7.75 8.21 -4.62
N VAL C 79 -6.67 8.73 -4.03
CA VAL C 79 -5.51 9.05 -4.79
C VAL C 79 -4.39 8.17 -4.28
N TYR C 80 -3.73 7.63 -5.27
CA TYR C 80 -2.62 6.73 -4.97
C TYR C 80 -1.30 7.09 -5.64
N ALA C 81 -0.16 6.87 -4.93
CA ALA C 81 1.10 7.16 -5.65
C ALA C 81 1.21 6.17 -6.85
N ARG C 82 1.52 6.64 -8.08
CA ARG C 82 1.63 5.76 -9.25
C ARG C 82 2.99 5.02 -9.36
N VAL C 83 3.02 3.70 -9.08
CA VAL C 83 4.24 2.90 -9.00
C VAL C 83 5.08 2.86 -10.33
N THR C 84 4.34 2.80 -11.44
CA THR C 84 4.90 2.80 -12.76
C THR C 84 5.84 3.97 -12.94
N ALA C 85 5.45 5.11 -12.36
CA ALA C 85 6.29 6.29 -12.46
C ALA C 85 7.33 6.22 -11.42
N LEU C 86 7.23 5.23 -10.49
CA LEU C 86 8.27 5.25 -9.46
C LEU C 86 9.25 4.14 -9.46
N VAL C 87 8.92 3.11 -10.20
CA VAL C 87 9.75 1.90 -10.20
C VAL C 87 11.22 2.08 -10.55
N ASN C 88 11.54 3.04 -11.43
CA ASN C 88 12.93 3.32 -11.82
C ASN C 88 13.79 3.68 -10.61
N TRP C 89 13.26 4.52 -9.73
CA TRP C 89 13.97 4.91 -8.50
C TRP C 89 13.99 3.75 -7.56
N VAL C 90 12.90 2.99 -7.52
CA VAL C 90 12.91 1.84 -6.65
C VAL C 90 14.03 0.96 -6.98
N GLN C 91 14.21 0.66 -8.26
CA GLN C 91 15.27 -0.26 -8.70
C GLN C 91 16.71 0.24 -8.47
N GLN C 92 16.96 1.54 -8.68
CA GLN C 92 18.30 2.11 -8.49
C GLN C 92 18.65 2.01 -6.97
N THR C 93 17.62 2.27 -6.12
CA THR C 93 17.80 2.25 -4.70
C THR C 93 18.19 0.92 -4.22
N LEU C 94 17.51 -0.13 -4.73
CA LEU C 94 17.89 -1.47 -4.28
C LEU C 94 19.31 -1.83 -4.72
N ALA C 95 19.58 -1.38 -5.95
CA ALA C 95 20.81 -1.65 -6.68
C ALA C 95 22.03 -1.09 -6.00
N ALA C 96 21.85 0.08 -5.40
CA ALA C 96 23.01 0.63 -4.80
C ALA C 96 23.03 0.45 -3.31
N ASN C 97 22.03 -0.21 -2.72
CA ASN C 97 22.03 -0.38 -1.27
C ASN C 97 21.82 -1.80 -0.81
C1 HIN D . -0.70 9.32 6.31
C2 HIN D . -1.16 9.89 4.93
C3 HIN D . -2.10 11.07 5.07
C4 HIN D . -3.56 10.78 5.07
N5 HIN D . -4.16 11.82 5.87
C6 HIN D . -4.54 11.65 7.12
C7 HIN D . -5.11 12.97 7.65
N8 HIN D . -5.35 13.03 9.08
C9 HIN D . -5.80 14.14 9.66
C10 HIN D . -6.06 14.10 11.18
C11 HIN D . -4.33 14.15 7.07
C12 HIN D . -4.08 11.04 3.66
C1' HIN D . -5.47 10.51 3.53
C2' HIN D . -5.73 9.24 4.05
C3' HIN D . -7.01 8.70 3.91
C4' HIN D . -8.01 9.45 3.27
C5' HIN D . -7.79 10.74 2.85
C6' HIN D . -6.50 11.26 2.95
O3 HIN D . -1.71 12.25 4.96
O6 HIN D . -4.45 10.59 7.79
O9 HIN D . -5.98 15.20 9.04
#